data_2V71
#
_entry.id   2V71
#
_cell.length_a   89.872
_cell.length_b   44.975
_cell.length_c   124.377
_cell.angle_alpha   90.00
_cell.angle_beta   97.35
_cell.angle_gamma   90.00
#
_symmetry.space_group_name_H-M   'C 1 2 1'
#
_entity_poly.entity_id   1
_entity_poly.type   'polypeptide(L)'
_entity_poly.pdbx_seq_one_letter_code
;GA(MSE)DFSSLKEETAYWKELS(MSE)KYKQSFQEARDELVEFQEGSRELEAELEAQLVQAEQRNRDLQADNQRLKYEV
EALKEKLEHQYAQSYKQVSVLEDDLSQTRAIKEQLHKYVRELEQANDDLERAKRATI(MSE)SLEDFEQRLNQAIERNAF
LESELDEKESLLVSVQRLKDEARDLRQELAVRERQQEVTRK
;
_entity_poly.pdbx_strand_id   A,B
#
# COMPACT_ATOMS: atom_id res chain seq x y z
N ASP A 4 38.56 80.93 64.23
CA ASP A 4 39.12 79.82 63.41
C ASP A 4 40.30 80.32 62.56
N PHE A 5 39.95 81.09 61.54
CA PHE A 5 40.94 81.79 60.71
C PHE A 5 41.27 83.13 61.36
N SER A 6 42.28 83.83 60.86
CA SER A 6 42.74 85.12 61.39
C SER A 6 41.92 86.30 60.87
N SER A 7 41.44 86.21 59.64
CA SER A 7 40.50 87.17 59.08
C SER A 7 39.45 86.43 58.26
N LEU A 8 38.34 87.12 58.06
CA LEU A 8 37.40 86.73 57.03
C LEU A 8 38.12 86.50 55.70
N LYS A 9 39.11 87.29 55.31
CA LYS A 9 39.81 87.06 54.05
C LYS A 9 40.48 85.68 53.97
N GLU A 10 41.01 85.22 55.10
CA GLU A 10 41.67 83.93 55.15
C GLU A 10 40.63 82.85 55.05
N GLU A 11 39.54 82.99 55.76
CA GLU A 11 38.43 82.05 55.66
C GLU A 11 37.86 81.97 54.23
N THR A 12 37.54 83.12 53.68
CA THR A 12 37.22 83.15 52.27
C THR A 12 38.21 82.37 51.41
N ALA A 13 39.51 82.58 51.60
CA ALA A 13 40.47 81.93 50.71
C ALA A 13 40.27 80.45 51.00
N TYR A 14 39.83 80.05 52.19
CA TYR A 14 39.76 78.59 52.47
C TYR A 14 38.77 77.91 51.54
N TRP A 15 37.59 78.49 51.68
CA TRP A 15 36.41 77.98 51.05
C TRP A 15 36.57 78.16 49.57
N LYS A 16 37.15 79.25 49.08
CA LYS A 16 37.32 79.39 47.64
C LYS A 16 38.19 78.22 47.18
N GLU A 17 39.26 77.92 47.91
CA GLU A 17 40.11 76.82 47.45
C GLU A 17 39.29 75.52 47.44
N LEU A 18 38.55 75.26 48.52
CA LEU A 18 37.72 74.07 48.69
C LEU A 18 36.67 73.94 47.59
N SER A 19 35.96 75.02 47.29
CA SER A 19 34.94 74.93 46.22
C SER A 19 35.57 74.63 44.87
N MSE A 20 36.80 75.04 44.63
CA MSE A 20 37.52 74.72 43.39
C MSE A 20 37.88 73.24 43.26
O MSE A 20 37.80 72.67 42.17
CB MSE A 20 38.82 75.52 43.28
CG MSE A 20 38.56 77.03 43.17
SE MSE A 20 37.91 77.57 41.42
CE MSE A 20 39.67 78.09 40.75
N LYS A 21 38.28 72.66 44.39
CA LYS A 21 38.60 71.24 44.47
C LYS A 21 37.36 70.41 44.21
N TYR A 22 36.25 70.80 44.82
CA TYR A 22 35.05 70.03 44.64
C TYR A 22 34.47 70.26 43.25
N LYS A 23 34.58 71.48 42.71
CA LYS A 23 34.23 71.70 41.29
C LYS A 23 35.00 70.72 40.41
N GLN A 24 36.32 70.58 40.53
CA GLN A 24 37.05 69.59 39.71
C GLN A 24 36.55 68.13 39.85
N SER A 25 36.28 67.64 41.06
CA SER A 25 35.83 66.28 41.34
C SER A 25 34.46 66.05 40.69
N PHE A 26 33.61 67.04 40.87
CA PHE A 26 32.27 66.97 40.29
C PHE A 26 32.37 66.90 38.78
N GLN A 27 33.06 67.83 38.16
CA GLN A 27 33.21 67.81 36.71
C GLN A 27 33.71 66.47 36.17
N GLU A 28 34.75 65.90 36.80
CA GLU A 28 35.26 64.57 36.48
C GLU A 28 34.26 63.43 36.73
N ALA A 29 33.49 63.48 37.83
CA ALA A 29 32.49 62.46 38.15
C ALA A 29 31.41 62.53 37.06
N ARG A 30 31.09 63.75 36.64
CA ARG A 30 30.10 64.01 35.62
C ARG A 30 30.61 63.53 34.28
N ASP A 31 31.87 63.77 33.97
CA ASP A 31 32.38 63.38 32.66
C ASP A 31 32.45 61.85 32.62
N GLU A 32 32.92 61.22 33.69
CA GLU A 32 32.95 59.79 33.82
C GLU A 32 31.56 59.20 33.57
N LEU A 33 30.52 59.72 34.23
CA LEU A 33 29.16 59.25 33.99
C LEU A 33 28.78 59.40 32.51
N VAL A 34 29.07 60.53 31.86
CA VAL A 34 28.73 60.65 30.43
C VAL A 34 29.50 59.62 29.59
N GLU A 35 30.80 59.45 29.81
CA GLU A 35 31.54 58.48 29.00
C GLU A 35 30.87 57.11 29.13
N PHE A 36 30.54 56.70 30.35
CA PHE A 36 29.96 55.39 30.64
C PHE A 36 28.60 55.15 30.01
N GLN A 37 27.78 56.19 30.00
CA GLN A 37 26.44 56.15 29.46
C GLN A 37 26.54 56.07 27.97
N GLU A 38 27.32 56.92 27.33
CA GLU A 38 27.42 56.82 25.87
C GLU A 38 28.09 55.52 25.43
N GLY A 39 29.14 55.09 26.13
CA GLY A 39 29.82 53.79 25.96
C GLY A 39 28.83 52.65 26.10
N SER A 40 27.98 52.68 27.12
CA SER A 40 26.98 51.63 27.27
C SER A 40 25.95 51.58 26.13
N ARG A 41 25.39 52.70 25.74
CA ARG A 41 24.42 52.78 24.68
C ARG A 41 24.97 52.33 23.34
N GLU A 42 26.19 52.74 23.05
CA GLU A 42 26.83 52.32 21.80
C GLU A 42 26.89 50.78 21.75
N LEU A 43 27.31 50.16 22.85
CA LEU A 43 27.41 48.71 22.96
C LEU A 43 26.04 48.06 22.92
N GLU A 44 25.10 48.64 23.68
CA GLU A 44 23.74 48.10 23.70
C GLU A 44 23.22 48.14 22.28
N ALA A 45 23.47 49.15 21.46
CA ALA A 45 22.99 49.19 20.07
C ALA A 45 23.69 48.14 19.21
N GLU A 46 24.92 47.76 19.54
CA GLU A 46 25.61 46.69 18.82
C GLU A 46 24.83 45.40 19.01
N LEU A 47 24.46 45.08 20.25
CA LEU A 47 23.77 43.87 20.59
C LEU A 47 22.36 43.87 20.00
N GLU A 48 21.62 44.96 20.11
CA GLU A 48 20.36 45.04 19.38
C GLU A 48 20.56 44.72 17.89
N ALA A 49 21.57 45.28 17.24
CA ALA A 49 21.78 45.06 15.81
C ALA A 49 22.08 43.60 15.49
N GLN A 50 22.77 42.94 16.42
CA GLN A 50 23.13 41.53 16.34
C GLN A 50 21.94 40.63 16.63
N LEU A 51 21.01 41.11 17.45
CA LEU A 51 19.84 40.29 17.76
C LEU A 51 18.93 40.34 16.54
N VAL A 52 18.89 41.46 15.84
CA VAL A 52 18.07 41.64 14.65
C VAL A 52 18.57 40.65 13.62
N GLN A 53 19.88 40.61 13.33
CA GLN A 53 20.37 39.70 12.29
C GLN A 53 20.08 38.24 12.71
N ALA A 54 20.24 37.90 13.99
CA ALA A 54 19.91 36.57 14.52
C ALA A 54 18.44 36.26 14.24
N GLU A 55 17.52 37.16 14.57
CA GLU A 55 16.11 36.85 14.27
C GLU A 55 15.82 36.79 12.76
N GLN A 56 16.55 37.55 11.95
CA GLN A 56 16.32 37.55 10.51
C GLN A 56 16.74 36.21 9.93
N ARG A 57 17.90 35.72 10.35
CA ARG A 57 18.40 34.39 10.00
C ARG A 57 17.46 33.29 10.50
N ASN A 58 16.88 33.40 11.69
CA ASN A 58 15.92 32.39 12.14
C ASN A 58 14.64 32.41 11.33
N ARG A 59 14.08 33.60 11.12
CA ARG A 59 12.89 33.79 10.29
C ARG A 59 13.07 33.13 8.93
N ASP A 60 14.23 33.30 8.28
CA ASP A 60 14.54 32.71 6.98
C ASP A 60 14.62 31.19 7.00
N LEU A 61 15.24 30.65 8.05
CA LEU A 61 15.27 29.21 8.30
C LEU A 61 13.88 28.70 8.60
N GLN A 62 13.04 29.44 9.31
CA GLN A 62 11.67 29.02 9.56
C GLN A 62 10.92 29.05 8.23
N ALA A 63 11.12 30.10 7.45
CA ALA A 63 10.50 30.19 6.12
C ALA A 63 10.80 28.94 5.30
N ASP A 64 12.06 28.53 5.33
CA ASP A 64 12.51 27.36 4.58
C ASP A 64 12.01 26.06 5.25
N ASN A 65 11.80 25.98 6.56
CA ASN A 65 11.18 24.81 7.19
C ASN A 65 9.73 24.62 6.81
N GLN A 66 8.92 25.68 6.74
CA GLN A 66 7.52 25.46 6.37
C GLN A 66 7.39 25.12 4.88
N ARG A 67 8.36 25.49 4.05
CA ARG A 67 8.42 25.11 2.64
C ARG A 67 8.70 23.62 2.46
N LEU A 68 9.66 23.15 3.23
CA LEU A 68 10.00 21.74 3.25
C LEU A 68 8.87 20.97 3.92
N LYS A 69 8.26 21.52 4.97
CA LYS A 69 7.23 20.77 5.70
C LYS A 69 5.98 20.51 4.84
N TYR A 70 5.54 21.51 4.09
CA TYR A 70 4.42 21.32 3.17
C TYR A 70 4.74 20.31 2.06
N GLU A 71 5.97 20.35 1.55
CA GLU A 71 6.47 19.42 0.54
C GLU A 71 6.48 17.97 1.08
N VAL A 72 6.86 17.82 2.35
CA VAL A 72 6.85 16.52 3.01
C VAL A 72 5.41 15.99 3.07
N GLU A 73 4.45 16.81 3.46
CA GLU A 73 3.06 16.36 3.49
C GLU A 73 2.45 16.20 2.10
N ALA A 74 2.89 16.93 1.09
CA ALA A 74 2.40 16.75 -0.27
C ALA A 74 2.80 15.36 -0.77
N LEU A 75 4.02 14.92 -0.45
CA LEU A 75 4.48 13.57 -0.80
C LEU A 75 3.90 12.47 0.09
N LYS A 76 3.59 12.73 1.36
CA LYS A 76 2.92 11.74 2.21
C LYS A 76 1.50 11.52 1.72
N GLU A 77 0.90 12.52 1.07
CA GLU A 77 -0.43 12.43 0.50
C GLU A 77 -0.36 11.56 -0.75
N LYS A 78 0.61 11.81 -1.63
CA LYS A 78 0.77 11.04 -2.85
C LYS A 78 1.13 9.59 -2.55
N LEU A 79 2.08 9.38 -1.64
CA LEU A 79 2.47 8.03 -1.24
C LEU A 79 1.30 7.27 -0.60
N GLU A 80 0.53 7.93 0.25
CA GLU A 80 -0.66 7.33 0.84
C GLU A 80 -1.65 6.84 -0.22
N HIS A 81 -1.76 7.60 -1.31
CA HIS A 81 -2.68 7.28 -2.40
C HIS A 81 -2.22 6.08 -3.22
N GLN A 82 -0.90 5.93 -3.35
CA GLN A 82 -0.31 4.77 -4.00
C GLN A 82 -0.44 3.51 -3.15
N TYR A 83 -0.40 3.61 -1.83
CA TYR A 83 -0.66 2.45 -0.97
C TYR A 83 -2.11 2.04 -1.10
N ALA A 84 -3.00 3.01 -1.35
CA ALA A 84 -4.41 2.72 -1.58
C ALA A 84 -4.54 1.88 -2.83
N GLN A 85 -4.00 2.33 -3.96
CA GLN A 85 -4.21 1.62 -5.22
C GLN A 85 -3.49 0.26 -5.30
N SER A 86 -2.27 0.19 -4.75
CA SER A 86 -1.54 -1.07 -4.62
C SER A 86 -2.35 -2.11 -3.86
N TYR A 87 -2.85 -1.76 -2.67
CA TYR A 87 -3.72 -2.65 -1.89
C TYR A 87 -4.92 -3.19 -2.68
N LYS A 88 -5.54 -2.31 -3.47
CA LYS A 88 -6.64 -2.72 -4.35
C LYS A 88 -6.07 -3.69 -5.37
N GLN A 89 -5.03 -3.33 -6.09
CA GLN A 89 -4.45 -4.21 -7.12
C GLN A 89 -4.03 -5.55 -6.53
N VAL A 90 -3.33 -5.53 -5.40
CA VAL A 90 -2.92 -6.78 -4.78
C VAL A 90 -4.14 -7.56 -4.25
N SER A 91 -5.22 -6.87 -3.91
CA SER A 91 -6.46 -7.56 -3.53
C SER A 91 -7.02 -8.37 -4.70
N VAL A 92 -7.06 -7.80 -5.89
CA VAL A 92 -7.57 -8.46 -7.10
C VAL A 92 -6.60 -9.56 -7.50
N LEU A 93 -5.32 -9.27 -7.55
CA LEU A 93 -4.29 -10.28 -7.81
C LEU A 93 -4.32 -11.53 -6.91
N GLU A 94 -4.75 -11.35 -5.67
CA GLU A 94 -4.87 -12.46 -4.72
C GLU A 94 -6.03 -13.37 -5.11
N ASP A 95 -7.17 -12.76 -5.48
CA ASP A 95 -8.34 -13.46 -6.02
C ASP A 95 -7.96 -14.24 -7.27
N ASP A 96 -7.08 -13.70 -8.11
CA ASP A 96 -6.65 -14.39 -9.32
C ASP A 96 -5.81 -15.63 -9.04
N LEU A 97 -4.93 -15.55 -8.05
CA LEU A 97 -4.09 -16.68 -7.66
C LEU A 97 -4.96 -17.80 -7.10
N SER A 98 -5.88 -17.50 -6.17
CA SER A 98 -6.77 -18.51 -5.61
C SER A 98 -7.82 -19.02 -6.60
N GLN A 99 -8.14 -18.23 -7.63
CA GLN A 99 -9.07 -18.67 -8.65
C GLN A 99 -8.32 -19.58 -9.63
N THR A 100 -7.10 -19.25 -10.02
CA THR A 100 -6.22 -20.14 -10.78
C THR A 100 -6.03 -21.48 -10.07
N ARG A 101 -5.94 -21.44 -8.75
CA ARG A 101 -5.81 -22.64 -7.98
C ARG A 101 -7.13 -23.42 -7.92
N ALA A 102 -8.29 -22.75 -7.90
CA ALA A 102 -9.57 -23.48 -7.87
C ALA A 102 -9.79 -24.15 -9.22
N ILE A 103 -9.45 -23.44 -10.30
CA ILE A 103 -9.57 -23.97 -11.64
C ILE A 103 -8.58 -25.13 -11.90
N LYS A 104 -7.32 -24.95 -11.50
CA LYS A 104 -6.34 -26.03 -11.67
C LYS A 104 -6.81 -27.32 -11.00
N GLU A 105 -7.38 -27.17 -9.81
CA GLU A 105 -7.95 -28.27 -9.03
C GLU A 105 -9.02 -29.04 -9.80
N GLN A 106 -9.96 -28.27 -10.35
CA GLN A 106 -11.05 -28.83 -11.14
C GLN A 106 -10.51 -29.54 -12.37
N LEU A 107 -9.50 -28.99 -13.03
CA LEU A 107 -8.95 -29.67 -14.20
C LEU A 107 -8.32 -31.02 -13.87
N HIS A 108 -7.81 -31.13 -12.64
CA HIS A 108 -7.15 -32.31 -12.12
C HIS A 108 -8.22 -33.34 -11.74
N LYS A 109 -9.31 -32.95 -11.09
CA LYS A 109 -10.46 -33.83 -10.94
C LYS A 109 -10.96 -34.26 -12.32
N TYR A 110 -11.09 -33.31 -13.24
CA TYR A 110 -11.66 -33.70 -14.53
C TYR A 110 -10.83 -34.67 -15.40
N VAL A 111 -9.51 -34.51 -15.50
CA VAL A 111 -8.66 -35.46 -16.22
C VAL A 111 -8.93 -36.90 -15.77
N ARG A 112 -9.17 -37.11 -14.47
CA ARG A 112 -9.42 -38.45 -13.98
C ARG A 112 -10.78 -38.96 -14.40
N GLU A 113 -11.76 -38.06 -14.42
CA GLU A 113 -13.13 -38.34 -14.86
C GLU A 113 -13.05 -38.78 -16.31
N LEU A 114 -12.24 -38.13 -17.15
CA LEU A 114 -12.11 -38.50 -18.54
C LEU A 114 -11.37 -39.83 -18.62
N GLU A 115 -10.45 -40.12 -17.73
CA GLU A 115 -9.74 -41.40 -17.80
C GLU A 115 -10.66 -42.57 -17.40
N GLN A 116 -11.46 -42.38 -16.36
CA GLN A 116 -12.49 -43.32 -15.99
C GLN A 116 -13.41 -43.59 -17.16
N ALA A 117 -13.98 -42.58 -17.81
CA ALA A 117 -14.81 -42.80 -18.98
C ALA A 117 -14.08 -43.54 -20.10
N ASN A 118 -12.78 -43.39 -20.34
CA ASN A 118 -12.06 -44.20 -21.33
C ASN A 118 -11.99 -45.67 -20.92
N ASP A 119 -11.78 -45.94 -19.64
CA ASP A 119 -11.73 -47.29 -19.11
C ASP A 119 -13.09 -47.96 -19.24
N ASP A 120 -14.15 -47.24 -18.84
CA ASP A 120 -15.53 -47.71 -18.97
C ASP A 120 -15.92 -48.04 -20.39
N LEU A 121 -15.54 -47.19 -21.33
CA LEU A 121 -15.76 -47.44 -22.75
C LEU A 121 -15.04 -48.69 -23.24
N GLU A 122 -13.79 -48.88 -22.82
CA GLU A 122 -13.05 -50.05 -23.27
C GLU A 122 -13.73 -51.29 -22.65
N ARG A 123 -14.14 -51.25 -21.39
CA ARG A 123 -14.91 -52.31 -20.79
C ARG A 123 -16.23 -52.62 -21.50
N ALA A 124 -16.95 -51.59 -21.93
CA ALA A 124 -18.15 -51.76 -22.69
C ALA A 124 -17.75 -52.31 -24.03
N LYS A 125 -16.75 -51.78 -24.74
CA LYS A 125 -16.28 -52.35 -26.00
C LYS A 125 -16.09 -53.87 -25.92
N ARG A 126 -15.48 -54.33 -24.84
CA ARG A 126 -15.19 -55.75 -24.68
C ARG A 126 -16.37 -56.63 -24.37
N ALA A 127 -17.31 -56.12 -23.61
CA ALA A 127 -18.46 -56.92 -23.22
C ALA A 127 -19.32 -57.04 -24.48
N THR A 128 -19.44 -55.94 -25.21
CA THR A 128 -20.13 -55.93 -26.48
C THR A 128 -19.61 -56.85 -27.54
N ILE A 129 -18.32 -56.78 -27.83
CA ILE A 129 -17.64 -57.65 -28.80
C ILE A 129 -17.89 -59.11 -28.44
N MSE A 130 -17.52 -59.49 -27.22
CA MSE A 130 -17.85 -60.79 -26.65
C MSE A 130 -19.31 -61.24 -26.74
O MSE A 130 -19.60 -62.38 -27.11
CB MSE A 130 -17.46 -60.73 -25.18
CG MSE A 130 -17.88 -61.95 -24.41
SE MSE A 130 -16.63 -62.22 -22.96
CE MSE A 130 -16.45 -60.42 -22.22
N SER A 131 -20.23 -60.35 -26.38
CA SER A 131 -21.67 -60.62 -26.53
C SER A 131 -22.02 -60.85 -27.98
N LEU A 132 -21.41 -60.06 -28.87
CA LEU A 132 -21.74 -60.18 -30.29
C LEU A 132 -21.10 -61.43 -30.84
N GLU A 133 -19.86 -61.76 -30.50
CA GLU A 133 -19.33 -63.04 -30.93
C GLU A 133 -20.09 -64.23 -30.36
N ASP A 134 -20.59 -64.14 -29.13
CA ASP A 134 -21.39 -65.20 -28.51
C ASP A 134 -22.58 -65.48 -29.41
N PHE A 135 -23.35 -64.46 -29.79
CA PHE A 135 -24.50 -64.70 -30.65
C PHE A 135 -24.09 -65.24 -32.01
N GLU A 136 -22.99 -64.76 -32.57
CA GLU A 136 -22.52 -65.21 -33.88
C GLU A 136 -22.33 -66.71 -33.86
N GLN A 137 -21.69 -67.21 -32.81
CA GLN A 137 -21.47 -68.64 -32.66
C GLN A 137 -22.82 -69.32 -32.55
N ARG A 138 -23.77 -68.75 -31.83
CA ARG A 138 -25.08 -69.39 -31.76
C ARG A 138 -25.76 -69.49 -33.13
N LEU A 139 -25.71 -68.40 -33.88
CA LEU A 139 -26.26 -68.43 -35.22
C LEU A 139 -25.53 -69.51 -36.04
N ASN A 140 -24.21 -69.65 -35.94
CA ASN A 140 -23.45 -70.64 -36.70
C ASN A 140 -23.93 -72.07 -36.36
N GLN A 141 -24.12 -72.41 -35.08
CA GLN A 141 -24.65 -73.72 -34.69
C GLN A 141 -26.08 -73.92 -35.15
N ALA A 142 -26.90 -72.87 -35.20
CA ALA A 142 -28.23 -72.98 -35.80
C ALA A 142 -28.14 -73.26 -37.31
N ILE A 143 -27.19 -72.65 -38.00
CA ILE A 143 -27.02 -72.90 -39.42
C ILE A 143 -26.63 -74.38 -39.68
N GLU A 144 -25.62 -74.86 -38.97
CA GLU A 144 -25.11 -76.23 -39.06
C GLU A 144 -26.24 -77.20 -38.76
N ARG A 145 -27.07 -76.97 -37.73
CA ARG A 145 -28.16 -77.89 -37.41
C ARG A 145 -29.25 -77.83 -38.46
N ASN A 146 -29.58 -76.65 -38.96
CA ASN A 146 -30.64 -76.48 -39.95
C ASN A 146 -30.22 -77.11 -41.27
N ALA A 147 -28.97 -76.96 -41.68
CA ALA A 147 -28.48 -77.55 -42.91
C ALA A 147 -28.44 -79.08 -42.81
N PHE A 148 -28.00 -79.59 -41.67
CA PHE A 148 -27.93 -81.03 -41.44
C PHE A 148 -29.35 -81.59 -41.56
N LEU A 149 -30.34 -80.93 -40.98
CA LEU A 149 -31.72 -81.40 -41.10
C LEU A 149 -32.21 -81.26 -42.54
N GLU A 150 -31.87 -80.22 -43.29
CA GLU A 150 -32.35 -80.10 -44.68
C GLU A 150 -31.91 -81.33 -45.50
N SER A 151 -30.62 -81.65 -45.44
CA SER A 151 -30.05 -82.78 -46.16
C SER A 151 -30.79 -84.05 -45.80
N GLU A 152 -30.93 -84.34 -44.50
CA GLU A 152 -31.63 -85.55 -44.12
C GLU A 152 -33.01 -85.73 -44.71
N LEU A 153 -33.74 -84.63 -44.88
CA LEU A 153 -35.06 -84.55 -45.52
C LEU A 153 -34.92 -84.68 -47.04
N ASP A 154 -33.77 -84.30 -47.56
CA ASP A 154 -33.51 -84.47 -48.98
C ASP A 154 -33.50 -85.97 -49.31
N GLU A 155 -33.01 -86.79 -48.38
CA GLU A 155 -32.85 -88.23 -48.55
C GLU A 155 -34.25 -88.83 -48.46
N LYS A 156 -35.01 -88.50 -47.41
CA LYS A 156 -36.37 -89.03 -47.31
C LYS A 156 -37.15 -88.78 -48.61
N GLU A 157 -37.06 -87.57 -49.17
CA GLU A 157 -37.60 -87.22 -50.49
C GLU A 157 -37.06 -88.08 -51.65
N SER A 158 -35.78 -88.45 -51.70
CA SER A 158 -35.20 -89.34 -52.73
C SER A 158 -35.52 -90.84 -52.59
N LEU A 159 -36.18 -91.20 -51.49
CA LEU A 159 -36.61 -92.54 -51.10
C LEU A 159 -38.15 -92.59 -51.19
N LEU A 160 -38.92 -91.86 -50.38
CA LEU A 160 -40.40 -91.81 -50.52
C LEU A 160 -40.88 -91.76 -52.00
N VAL A 161 -40.06 -91.23 -52.91
CA VAL A 161 -40.22 -91.39 -54.37
C VAL A 161 -40.38 -92.86 -54.81
N SER A 162 -41.63 -93.28 -54.98
CA SER A 162 -41.99 -94.64 -55.36
C SER A 162 -43.01 -94.62 -56.49
N VAL A 163 -42.99 -95.66 -57.33
CA VAL A 163 -43.84 -95.78 -58.53
C VAL A 163 -44.24 -97.21 -58.85
N ASP B 4 31.78 97.30 53.10
CA ASP B 4 32.96 96.36 53.08
C ASP B 4 32.97 95.18 54.06
N PHE B 5 32.91 95.36 55.37
CA PHE B 5 32.80 94.19 56.26
C PHE B 5 31.69 93.24 55.81
N SER B 6 30.50 93.77 55.56
CA SER B 6 29.38 93.00 55.02
C SER B 6 29.69 92.32 53.69
N SER B 7 30.40 93.02 52.82
CA SER B 7 30.83 92.48 51.54
C SER B 7 31.83 91.33 51.69
N LEU B 8 32.71 91.39 52.69
CA LEU B 8 33.67 90.34 52.97
C LEU B 8 32.91 89.20 53.60
N LYS B 9 31.97 89.45 54.51
CA LYS B 9 31.11 88.45 55.15
C LYS B 9 30.39 87.70 54.04
N GLU B 10 29.65 88.43 53.20
CA GLU B 10 28.90 87.80 52.12
C GLU B 10 29.74 87.03 51.10
N GLU B 11 30.98 87.40 50.85
CA GLU B 11 31.90 86.67 49.97
C GLU B 11 32.34 85.35 50.62
N THR B 12 32.46 85.32 51.94
CA THR B 12 32.80 84.09 52.61
C THR B 12 31.64 83.10 52.46
N ALA B 13 30.43 83.62 52.68
CA ALA B 13 29.16 82.92 52.62
C ALA B 13 29.00 82.37 51.20
N TYR B 14 29.35 83.16 50.18
CA TYR B 14 29.30 82.69 48.81
C TYR B 14 30.15 81.44 48.58
N TRP B 15 31.41 81.48 49.00
CA TRP B 15 32.34 80.39 48.72
C TRP B 15 32.02 79.20 49.58
N LYS B 16 31.71 79.36 50.85
CA LYS B 16 31.30 78.25 51.68
C LYS B 16 30.14 77.50 51.02
N GLU B 17 29.05 78.22 50.72
CA GLU B 17 27.86 77.66 50.09
C GLU B 17 28.15 77.03 48.71
N LEU B 18 28.95 77.68 47.87
CA LEU B 18 29.32 77.05 46.61
C LEU B 18 30.03 75.70 46.78
N SER B 19 30.97 75.66 47.72
CA SER B 19 31.66 74.39 47.94
C SER B 19 30.67 73.33 48.40
N MSE B 20 29.66 73.64 49.21
CA MSE B 20 28.74 72.59 49.62
C MSE B 20 27.85 72.11 48.46
O MSE B 20 27.51 70.94 48.42
CB MSE B 20 27.98 73.03 50.87
CG MSE B 20 28.75 72.69 52.15
SE MSE B 20 27.38 73.53 53.19
CE MSE B 20 26.02 72.09 53.07
N LYS B 21 27.49 73.04 47.57
CA LYS B 21 26.81 72.74 46.31
C LYS B 21 27.63 71.84 45.39
N TYR B 22 28.94 72.01 45.32
CA TYR B 22 29.74 71.15 44.45
C TYR B 22 29.93 69.76 45.05
N LYS B 23 30.12 69.68 46.36
CA LYS B 23 30.21 68.43 47.10
C LYS B 23 28.94 67.62 46.85
N GLN B 24 27.77 68.26 47.00
CA GLN B 24 26.48 67.63 46.80
C GLN B 24 26.38 67.13 45.35
N SER B 25 26.63 68.03 44.41
CA SER B 25 26.65 67.73 42.99
C SER B 25 27.59 66.58 42.65
N PHE B 26 28.70 66.45 43.37
CA PHE B 26 29.76 65.44 43.18
C PHE B 26 29.17 64.10 43.61
N GLN B 27 28.64 64.03 44.83
CA GLN B 27 28.01 62.83 45.34
C GLN B 27 26.83 62.33 44.48
N GLU B 28 25.96 63.21 44.00
CA GLU B 28 24.85 62.87 43.13
C GLU B 28 25.34 62.26 41.81
N ALA B 29 26.37 62.83 41.22
CA ALA B 29 27.02 62.26 40.03
C ALA B 29 27.61 60.86 40.31
N ARG B 30 28.26 60.63 41.43
CA ARG B 30 28.75 59.30 41.78
C ARG B 30 27.60 58.33 42.04
N ASP B 31 26.51 58.78 42.66
CA ASP B 31 25.36 57.91 42.92
C ASP B 31 24.72 57.58 41.58
N GLU B 32 24.53 58.57 40.73
CA GLU B 32 23.90 58.31 39.43
C GLU B 32 24.68 57.25 38.67
N LEU B 33 26.00 57.27 38.76
CA LEU B 33 26.79 56.29 38.04
C LEU B 33 26.46 54.92 38.62
N VAL B 34 26.44 54.77 39.94
CA VAL B 34 26.15 53.46 40.49
C VAL B 34 24.83 52.89 39.98
N GLU B 35 23.82 53.76 40.00
CA GLU B 35 22.47 53.42 39.59
C GLU B 35 22.44 53.04 38.11
N PHE B 36 23.18 53.80 37.31
CA PHE B 36 23.19 53.61 35.87
C PHE B 36 23.92 52.31 35.57
N GLN B 37 25.01 52.00 36.25
CA GLN B 37 25.64 50.71 36.04
C GLN B 37 24.71 49.56 36.29
N GLU B 38 23.83 49.67 37.28
CA GLU B 38 22.97 48.55 37.56
C GLU B 38 21.94 48.44 36.46
N GLY B 39 21.44 49.59 36.04
CA GLY B 39 20.35 49.62 35.09
C GLY B 39 20.77 49.20 33.70
N SER B 40 22.02 49.44 33.31
CA SER B 40 22.47 49.07 31.98
C SER B 40 22.91 47.61 32.10
N ARG B 41 23.42 47.19 33.26
CA ARG B 41 23.66 45.77 33.51
C ARG B 41 22.38 44.90 33.38
N GLU B 42 21.22 45.36 33.80
CA GLU B 42 19.97 44.61 33.68
C GLU B 42 19.58 44.54 32.19
N LEU B 43 19.63 45.65 31.46
CA LEU B 43 19.35 45.68 30.03
C LEU B 43 20.25 44.82 29.15
N GLU B 44 21.56 44.80 29.43
CA GLU B 44 22.57 44.04 28.68
C GLU B 44 22.41 42.54 28.92
N ALA B 45 22.16 42.16 30.16
CA ALA B 45 21.84 40.79 30.51
C ALA B 45 20.60 40.28 29.80
N GLU B 46 19.57 41.08 29.59
CA GLU B 46 18.38 40.66 28.86
C GLU B 46 18.78 40.43 27.41
N LEU B 47 19.52 41.37 26.82
CA LEU B 47 19.99 41.27 25.43
C LEU B 47 20.84 40.05 25.17
N GLU B 48 21.77 39.79 26.07
CA GLU B 48 22.64 38.65 26.06
C GLU B 48 21.82 37.34 26.13
N ALA B 49 20.87 37.30 27.06
CA ALA B 49 19.99 36.14 27.21
C ALA B 49 19.25 35.94 25.90
N GLN B 50 18.65 36.99 25.34
CA GLN B 50 17.96 36.85 24.05
C GLN B 50 18.84 36.36 22.90
N LEU B 51 20.13 36.69 22.89
CA LEU B 51 21.07 36.27 21.84
C LEU B 51 21.36 34.79 21.97
N VAL B 52 21.53 34.31 23.20
CA VAL B 52 21.70 32.90 23.53
C VAL B 52 20.51 32.11 22.98
N GLN B 53 19.31 32.54 23.36
CA GLN B 53 18.08 31.90 22.89
C GLN B 53 17.98 31.99 21.38
N ALA B 54 18.37 33.10 20.77
CA ALA B 54 18.26 33.21 19.32
C ALA B 54 19.25 32.22 18.73
N GLU B 55 20.47 32.10 19.26
CA GLU B 55 21.42 31.12 18.72
C GLU B 55 20.92 29.67 18.89
N GLN B 56 20.21 29.38 19.97
CA GLN B 56 19.66 28.06 20.28
C GLN B 56 18.51 27.70 19.36
N ARG B 57 17.62 28.64 19.06
CA ARG B 57 16.61 28.39 18.04
C ARG B 57 17.30 28.10 16.71
N ASN B 58 18.27 28.89 16.30
CA ASN B 58 19.00 28.69 15.06
C ASN B 58 19.56 27.26 14.92
N ARG B 59 20.11 26.69 15.99
CA ARG B 59 20.55 25.30 15.90
C ARG B 59 19.39 24.31 15.72
N ASP B 60 18.29 24.57 16.43
CA ASP B 60 17.08 23.76 16.39
C ASP B 60 16.44 23.89 15.03
N LEU B 61 16.45 25.08 14.45
CA LEU B 61 15.93 25.20 13.08
C LEU B 61 16.80 24.46 12.08
N GLN B 62 18.11 24.54 12.23
CA GLN B 62 19.05 23.88 11.33
C GLN B 62 18.97 22.36 11.38
N ALA B 63 18.73 21.81 12.58
CA ALA B 63 18.51 20.40 12.85
C ALA B 63 17.23 19.93 12.21
N ASP B 64 16.17 20.73 12.29
CA ASP B 64 14.93 20.40 11.60
C ASP B 64 15.05 20.55 10.09
N ASN B 65 15.86 21.51 9.64
CA ASN B 65 16.03 21.70 8.20
C ASN B 65 16.75 20.48 7.61
N GLN B 66 17.84 20.06 8.24
CA GLN B 66 18.59 18.94 7.69
C GLN B 66 17.72 17.68 7.72
N ARG B 67 16.92 17.47 8.77
CA ARG B 67 15.97 16.37 8.88
C ARG B 67 14.89 16.36 7.81
N LEU B 68 14.32 17.53 7.53
CA LEU B 68 13.29 17.67 6.50
C LEU B 68 13.83 17.42 5.11
N LYS B 69 15.12 17.67 4.88
CA LYS B 69 15.74 17.38 3.60
C LYS B 69 16.02 15.88 3.40
N TYR B 70 16.39 15.12 4.43
CA TYR B 70 16.59 13.65 4.33
C TYR B 70 15.22 12.98 4.23
N GLU B 71 14.23 13.57 4.89
CA GLU B 71 12.86 13.05 4.86
C GLU B 71 12.22 13.24 3.49
N VAL B 72 12.53 14.33 2.80
CA VAL B 72 11.95 14.58 1.47
C VAL B 72 12.55 13.59 0.46
N GLU B 73 13.86 13.37 0.42
CA GLU B 73 14.38 12.38 -0.55
C GLU B 73 14.05 10.93 -0.19
N ALA B 74 13.74 10.63 1.06
CA ALA B 74 13.27 9.30 1.48
C ALA B 74 11.90 8.95 0.85
N LEU B 75 10.99 9.93 0.85
CA LEU B 75 9.65 9.83 0.27
C LEU B 75 9.67 9.82 -1.26
N LYS B 76 10.61 10.55 -1.83
CA LYS B 76 10.83 10.52 -3.27
C LYS B 76 11.33 9.15 -3.72
N GLU B 77 12.09 8.47 -2.86
CA GLU B 77 12.62 7.13 -3.13
C GLU B 77 11.64 6.00 -2.80
N LYS B 78 10.67 6.29 -1.95
CA LYS B 78 9.57 5.38 -1.64
C LYS B 78 8.50 5.48 -2.70
N LEU B 79 8.18 6.71 -3.12
CA LEU B 79 7.14 6.96 -4.11
C LEU B 79 7.50 6.33 -5.45
N GLU B 80 8.76 6.47 -5.85
CA GLU B 80 9.20 5.86 -7.11
C GLU B 80 9.18 4.34 -7.03
N HIS B 81 9.55 3.79 -5.88
CA HIS B 81 9.50 2.34 -5.64
C HIS B 81 8.07 1.85 -5.79
N GLN B 82 7.10 2.65 -5.34
CA GLN B 82 5.67 2.33 -5.47
C GLN B 82 5.11 2.49 -6.88
N TYR B 83 5.50 3.51 -7.66
CA TYR B 83 5.10 3.59 -9.08
C TYR B 83 5.72 2.44 -9.87
N ALA B 84 6.86 1.96 -9.41
CA ALA B 84 7.55 0.78 -9.93
C ALA B 84 6.74 -0.49 -9.69
N GLN B 85 6.41 -0.72 -8.43
CA GLN B 85 5.63 -1.87 -8.02
C GLN B 85 4.20 -1.82 -8.56
N SER B 86 3.61 -0.63 -8.67
CA SER B 86 2.25 -0.46 -9.20
C SER B 86 2.17 -0.87 -10.69
N TYR B 87 3.12 -0.43 -11.51
CA TYR B 87 3.25 -0.78 -12.93
C TYR B 87 3.45 -2.28 -13.11
N LYS B 88 4.21 -2.90 -12.20
CA LYS B 88 4.39 -4.37 -12.16
C LYS B 88 3.06 -5.13 -11.97
N GLN B 89 2.27 -4.65 -11.02
CA GLN B 89 0.95 -5.18 -10.67
C GLN B 89 -0.05 -5.05 -11.81
N VAL B 90 -0.12 -3.85 -12.39
CA VAL B 90 -0.97 -3.60 -13.54
C VAL B 90 -0.67 -4.53 -14.73
N SER B 91 0.62 -4.73 -15.01
CA SER B 91 1.04 -5.53 -16.14
C SER B 91 0.74 -7.00 -15.94
N VAL B 92 0.69 -7.47 -14.69
CA VAL B 92 0.30 -8.84 -14.36
C VAL B 92 -1.23 -8.98 -14.41
N LEU B 93 -1.95 -8.01 -13.85
CA LEU B 93 -3.40 -7.93 -13.91
C LEU B 93 -3.88 -7.93 -15.35
N GLU B 94 -3.12 -7.30 -16.25
CA GLU B 94 -3.48 -7.28 -17.67
C GLU B 94 -3.28 -8.67 -18.31
N ASP B 95 -2.21 -9.35 -17.89
CA ASP B 95 -2.00 -10.73 -18.33
C ASP B 95 -3.02 -11.68 -17.70
N ASP B 96 -3.55 -11.39 -16.53
CA ASP B 96 -4.66 -12.17 -15.99
C ASP B 96 -5.93 -11.98 -16.79
N LEU B 97 -6.14 -10.77 -17.33
CA LEU B 97 -7.31 -10.44 -18.11
C LEU B 97 -7.33 -11.22 -19.41
N SER B 98 -6.22 -11.32 -20.13
CA SER B 98 -6.20 -12.05 -21.40
C SER B 98 -6.37 -13.57 -21.26
N GLN B 99 -5.73 -14.08 -20.21
CA GLN B 99 -5.85 -15.46 -19.77
C GLN B 99 -7.27 -15.86 -19.37
N THR B 100 -8.01 -14.97 -18.71
CA THR B 100 -9.41 -15.16 -18.34
C THR B 100 -10.25 -15.31 -19.61
N ARG B 101 -10.08 -14.38 -20.54
CA ARG B 101 -10.74 -14.46 -21.84
C ARG B 101 -10.44 -15.71 -22.65
N ALA B 102 -9.16 -16.07 -22.66
CA ALA B 102 -8.70 -17.27 -23.37
C ALA B 102 -9.33 -18.51 -22.76
N ILE B 103 -9.33 -18.61 -21.42
CA ILE B 103 -9.90 -19.76 -20.73
C ILE B 103 -11.40 -19.78 -20.95
N LYS B 104 -12.07 -18.64 -20.79
CA LYS B 104 -13.52 -18.59 -21.01
C LYS B 104 -13.89 -19.06 -22.41
N GLU B 105 -13.07 -18.76 -23.41
CA GLU B 105 -13.26 -19.18 -24.78
C GLU B 105 -13.01 -20.68 -24.96
N GLN B 106 -12.06 -21.24 -24.24
CA GLN B 106 -11.88 -22.69 -24.30
C GLN B 106 -13.08 -23.39 -23.70
N LEU B 107 -13.60 -22.91 -22.58
CA LEU B 107 -14.82 -23.45 -22.02
C LEU B 107 -16.00 -23.33 -22.97
N HIS B 108 -16.04 -22.21 -23.68
CA HIS B 108 -17.12 -21.98 -24.63
C HIS B 108 -17.08 -23.02 -25.75
N LYS B 109 -15.91 -23.44 -26.19
CA LYS B 109 -15.84 -24.45 -27.23
C LYS B 109 -16.17 -25.79 -26.64
N TYR B 110 -15.79 -26.08 -25.41
CA TYR B 110 -16.03 -27.38 -24.81
C TYR B 110 -17.50 -27.65 -24.49
N VAL B 111 -18.31 -26.63 -24.25
CA VAL B 111 -19.75 -26.86 -24.04
C VAL B 111 -20.25 -27.34 -25.40
N ARG B 112 -19.88 -26.66 -26.48
CA ARG B 112 -20.26 -27.15 -27.81
C ARG B 112 -19.90 -28.62 -27.99
N GLU B 113 -18.69 -28.99 -27.60
CA GLU B 113 -18.22 -30.37 -27.74
C GLU B 113 -19.05 -31.37 -26.93
N LEU B 114 -19.36 -30.99 -25.70
CA LEU B 114 -20.14 -31.81 -24.80
C LEU B 114 -21.53 -32.01 -25.38
N GLU B 115 -22.11 -30.94 -25.93
CA GLU B 115 -23.42 -30.99 -26.55
C GLU B 115 -23.39 -31.94 -27.73
N GLN B 116 -22.38 -31.84 -28.59
CA GLN B 116 -22.26 -32.73 -29.72
C GLN B 116 -22.13 -34.16 -29.24
N ALA B 117 -21.39 -34.43 -28.17
CA ALA B 117 -21.27 -35.79 -27.65
C ALA B 117 -22.62 -36.29 -27.17
N ASN B 118 -23.46 -35.42 -26.66
CA ASN B 118 -24.79 -35.80 -26.17
C ASN B 118 -25.72 -36.06 -27.34
N ASP B 119 -25.59 -35.28 -28.40
CA ASP B 119 -26.38 -35.51 -29.61
C ASP B 119 -25.99 -36.83 -30.28
N ASP B 120 -24.71 -37.07 -30.43
CA ASP B 120 -24.23 -38.34 -30.99
C ASP B 120 -24.66 -39.56 -30.18
N LEU B 121 -24.72 -39.38 -28.86
CA LEU B 121 -25.12 -40.45 -27.97
C LEU B 121 -26.62 -40.70 -28.07
N GLU B 122 -27.41 -39.65 -28.27
CA GLU B 122 -28.83 -39.81 -28.46
C GLU B 122 -29.10 -40.58 -29.76
N ARG B 123 -28.45 -40.19 -30.86
CA ARG B 123 -28.50 -40.90 -32.12
C ARG B 123 -28.16 -42.38 -31.90
N ALA B 124 -27.00 -42.65 -31.35
CA ALA B 124 -26.60 -44.02 -31.02
C ALA B 124 -27.63 -44.70 -30.09
N LYS B 125 -28.21 -44.05 -29.09
CA LYS B 125 -29.15 -44.78 -28.23
C LYS B 125 -30.32 -45.31 -29.04
N ARG B 126 -30.83 -44.40 -29.86
CA ARG B 126 -31.97 -44.67 -30.69
C ARG B 126 -31.65 -45.67 -31.77
N ALA B 127 -30.54 -45.58 -32.46
CA ALA B 127 -30.31 -46.59 -33.47
C ALA B 127 -30.19 -47.95 -32.74
N THR B 128 -29.56 -48.00 -31.58
CA THR B 128 -29.42 -49.29 -30.92
C THR B 128 -30.79 -49.86 -30.52
N ILE B 129 -31.69 -48.99 -30.09
CA ILE B 129 -32.95 -49.50 -29.59
C ILE B 129 -33.75 -50.07 -30.75
N MSE B 130 -33.77 -49.33 -31.85
CA MSE B 130 -34.53 -49.68 -33.06
C MSE B 130 -33.96 -50.96 -33.65
O MSE B 130 -34.65 -51.88 -34.07
CB MSE B 130 -34.69 -48.50 -34.05
CG MSE B 130 -34.01 -48.32 -35.42
SE MSE B 130 -34.74 -46.72 -36.43
CE MSE B 130 -36.62 -46.72 -35.64
N SER B 131 -32.64 -51.02 -33.69
CA SER B 131 -31.98 -52.28 -34.02
C SER B 131 -32.35 -53.53 -33.18
N LEU B 132 -32.33 -53.37 -31.87
CA LEU B 132 -32.65 -54.44 -30.95
C LEU B 132 -34.11 -54.84 -31.00
N GLU B 133 -34.99 -53.88 -31.17
CA GLU B 133 -36.41 -54.16 -31.22
C GLU B 133 -36.77 -54.95 -32.48
N ASP B 134 -36.18 -54.59 -33.61
CA ASP B 134 -36.33 -55.26 -34.91
C ASP B 134 -36.04 -56.73 -34.72
N PHE B 135 -34.89 -56.96 -34.11
CA PHE B 135 -34.45 -58.30 -33.82
C PHE B 135 -35.32 -59.06 -32.85
N GLU B 136 -35.87 -58.34 -31.87
CA GLU B 136 -36.77 -58.90 -30.88
C GLU B 136 -37.99 -59.40 -31.68
N GLN B 137 -38.52 -58.62 -32.62
CA GLN B 137 -39.68 -59.00 -33.45
C GLN B 137 -39.44 -60.19 -34.36
N ARG B 138 -38.27 -60.22 -35.00
CA ARG B 138 -37.82 -61.38 -35.75
C ARG B 138 -37.76 -62.69 -34.93
N LEU B 139 -37.38 -62.60 -33.66
CA LEU B 139 -37.31 -63.77 -32.76
C LEU B 139 -38.75 -64.16 -32.45
N ASN B 140 -39.57 -63.15 -32.16
CA ASN B 140 -40.98 -63.42 -31.93
C ASN B 140 -41.67 -64.16 -33.08
N GLN B 141 -41.36 -63.74 -34.30
CA GLN B 141 -41.96 -64.33 -35.47
C GLN B 141 -41.47 -65.73 -35.75
N ALA B 142 -40.20 -65.95 -35.42
CA ALA B 142 -39.57 -67.25 -35.63
C ALA B 142 -40.22 -68.10 -34.55
N ILE B 143 -40.41 -67.63 -33.32
CA ILE B 143 -41.14 -68.45 -32.34
C ILE B 143 -42.53 -68.85 -32.84
N GLU B 144 -43.28 -67.98 -33.52
CA GLU B 144 -44.64 -68.35 -33.92
C GLU B 144 -44.72 -69.44 -34.98
N ARG B 145 -43.81 -69.34 -35.95
CA ARG B 145 -43.72 -70.28 -37.06
C ARG B 145 -43.36 -71.63 -36.48
N ASN B 146 -42.34 -71.67 -35.63
CA ASN B 146 -42.02 -72.89 -34.92
C ASN B 146 -43.15 -73.47 -34.10
N ALA B 147 -43.83 -72.71 -33.25
CA ALA B 147 -44.98 -73.23 -32.51
C ALA B 147 -46.07 -73.72 -33.46
N PHE B 148 -46.19 -73.11 -34.64
CA PHE B 148 -47.17 -73.52 -35.65
C PHE B 148 -46.79 -74.83 -36.31
N LEU B 149 -45.55 -74.97 -36.74
CA LEU B 149 -45.09 -76.24 -37.29
C LEU B 149 -45.16 -77.34 -36.23
N GLU B 150 -44.81 -77.08 -34.97
CA GLU B 150 -44.86 -78.12 -33.93
C GLU B 150 -46.29 -78.68 -33.91
N SER B 151 -47.30 -77.81 -34.05
CA SER B 151 -48.69 -78.24 -34.14
C SER B 151 -49.05 -79.04 -35.39
N GLU B 152 -48.57 -78.64 -36.57
CA GLU B 152 -48.82 -79.40 -37.79
C GLU B 152 -48.24 -80.81 -37.65
N LEU B 153 -47.10 -80.92 -36.98
CA LEU B 153 -46.48 -82.23 -36.79
C LEU B 153 -47.23 -83.03 -35.73
N ASP B 154 -47.77 -82.39 -34.68
CA ASP B 154 -48.48 -83.08 -33.60
C ASP B 154 -49.77 -83.68 -34.18
N GLU B 155 -50.44 -82.91 -35.06
CA GLU B 155 -51.64 -83.29 -35.81
C GLU B 155 -51.46 -84.59 -36.59
N LYS B 156 -50.34 -84.61 -37.31
CA LYS B 156 -50.03 -85.71 -38.20
C LYS B 156 -49.26 -86.80 -37.44
N GLU B 157 -48.76 -86.54 -36.23
CA GLU B 157 -48.27 -87.62 -35.38
C GLU B 157 -49.48 -88.50 -35.02
N SER B 158 -50.60 -87.88 -34.65
CA SER B 158 -51.82 -88.63 -34.31
C SER B 158 -52.38 -89.42 -35.50
N LEU B 159 -52.28 -88.86 -36.70
CA LEU B 159 -52.72 -89.55 -37.93
C LEU B 159 -51.84 -90.76 -38.18
N LEU B 160 -50.54 -90.64 -37.95
CA LEU B 160 -49.66 -91.80 -38.06
C LEU B 160 -49.81 -92.74 -36.86
N VAL B 161 -50.25 -92.28 -35.67
CA VAL B 161 -50.50 -93.17 -34.54
C VAL B 161 -51.70 -94.06 -34.85
N SER B 162 -52.71 -93.51 -35.52
CA SER B 162 -53.86 -94.30 -35.99
C SER B 162 -53.48 -95.43 -36.95
N VAL B 163 -52.49 -95.20 -37.81
CA VAL B 163 -52.03 -96.20 -38.80
C VAL B 163 -51.27 -97.30 -38.06
#